data_3GRD
#
_entry.id   3GRD
#
_cell.length_a   41.090
_cell.length_b   47.140
_cell.length_c   151.790
_cell.angle_alpha   90.000
_cell.angle_beta   90.000
_cell.angle_gamma   90.000
#
_symmetry.space_group_name_H-M   'P 21 21 21'
#
loop_
_entity.id
_entity.type
_entity.pdbx_description
1 polymer 'uncharacterized NTF2-superfamily protein'
2 non-polymer 'ACETATE ION'
3 non-polymer 'SODIUM ION'
4 water water
#
_entity_poly.entity_id   1
_entity_poly.type   'polypeptide(L)'
_entity_poly.pdbx_seq_one_letter_code
;G(MSE)PKANLEIIRSTYEGSASSNAKHLAEALSEKVEWTEAEGFPYGGTYIGVEAI(MSE)ENVFSRLGSEWNDYKASV
N(MSE)YHEVSGKDVIIAEG(MSE)YSGVYKDTGKSFEAEFVHVWQLENGKIVKFKQYVDSHLVREA(MSE)KS
;
_entity_poly.pdbx_strand_id   A,B
#
# COMPACT_ATOMS: atom_id res chain seq x y z
N PRO A 3 5.23 -24.06 14.32
CA PRO A 3 4.23 -22.99 14.17
C PRO A 3 3.16 -23.23 13.08
N LYS A 4 2.04 -22.53 13.21
CA LYS A 4 1.02 -22.50 12.18
C LYS A 4 1.57 -21.74 10.98
N ALA A 5 0.98 -21.98 9.83
CA ALA A 5 1.39 -21.31 8.60
C ALA A 5 1.26 -19.81 8.70
N ASN A 6 2.16 -19.12 8.06
CA ASN A 6 2.17 -17.64 8.02
C ASN A 6 0.82 -17.05 7.59
N LEU A 7 0.27 -17.61 6.55
N LEU A 7 0.26 -17.57 6.52
CA LEU A 7 -0.98 -17.12 6.02
CA LEU A 7 -1.03 -17.08 6.05
C LEU A 7 -2.10 -17.27 7.04
C LEU A 7 -2.09 -17.23 7.10
N GLU A 8 -2.14 -18.42 7.72
CA GLU A 8 -3.12 -18.66 8.77
C GLU A 8 -2.99 -17.64 9.91
N ILE A 9 -1.77 -17.43 10.36
CA ILE A 9 -1.49 -16.49 11.44
C ILE A 9 -1.98 -15.10 11.04
N ILE A 10 -1.58 -14.62 9.85
CA ILE A 10 -1.98 -13.27 9.47
C ILE A 10 -3.49 -13.15 9.26
N ARG A 11 -4.10 -14.13 8.60
N ARG A 11 -4.10 -14.14 8.61
CA ARG A 11 -5.55 -14.06 8.43
CA ARG A 11 -5.56 -14.09 8.45
C ARG A 11 -6.28 -13.94 9.78
C ARG A 11 -6.32 -13.99 9.77
N SER A 12 -5.76 -14.62 10.80
CA SER A 12 -6.38 -14.64 12.12
C SER A 12 -6.37 -13.28 12.79
N THR A 13 -5.61 -12.33 12.24
CA THR A 13 -5.61 -10.97 12.77
C THR A 13 -6.63 -10.05 12.10
N TYR A 14 -7.33 -10.56 11.07
CA TYR A 14 -8.33 -9.79 10.39
C TYR A 14 -9.73 -10.44 10.35
N GLU A 15 -9.78 -11.76 10.25
CA GLU A 15 -10.99 -12.42 9.84
C GLU A 15 -12.02 -12.67 10.92
N GLY A 16 -11.67 -12.37 12.17
CA GLY A 16 -12.65 -12.47 13.26
C GLY A 16 -13.21 -11.13 13.66
N SER A 17 -13.95 -11.13 14.76
CA SER A 17 -14.31 -9.87 15.43
C SER A 17 -13.08 -9.12 15.88
N ALA A 18 -13.30 -7.87 16.26
CA ALA A 18 -12.20 -7.05 16.74
C ALA A 18 -11.55 -7.73 17.93
N SER A 19 -12.34 -8.31 18.84
N SER A 19 -12.35 -8.28 18.82
CA SER A 19 -11.76 -8.91 20.06
CA SER A 19 -11.79 -8.89 20.03
C SER A 19 -10.89 -10.12 19.78
C SER A 19 -10.88 -10.06 19.73
N SER A 20 -11.31 -10.99 18.88
CA SER A 20 -10.47 -12.15 18.58
C SER A 20 -9.28 -11.76 17.70
N ASN A 21 -9.48 -10.81 16.81
CA ASN A 21 -8.38 -10.31 15.97
C ASN A 21 -7.28 -9.80 16.90
N ALA A 22 -7.68 -9.02 17.93
CA ALA A 22 -6.69 -8.45 18.84
C ALA A 22 -5.98 -9.53 19.62
N LYS A 23 -6.72 -10.52 20.09
N LYS A 23 -6.70 -10.54 20.09
CA LYS A 23 -6.10 -11.63 20.81
CA LYS A 23 -6.05 -11.62 20.84
C LYS A 23 -5.07 -12.30 19.92
C LYS A 23 -5.08 -12.36 19.93
N HIS A 24 -5.48 -12.62 18.69
CA HIS A 24 -4.62 -13.33 17.78
C HIS A 24 -3.39 -12.54 17.41
N LEU A 25 -3.52 -11.23 17.24
CA LEU A 25 -2.37 -10.40 16.93
C LEU A 25 -1.40 -10.40 18.13
N ALA A 26 -1.93 -10.17 19.31
CA ALA A 26 -1.06 -10.11 20.51
C ALA A 26 -0.28 -11.41 20.68
N GLU A 27 -0.94 -12.54 20.42
N GLU A 27 -0.92 -12.55 20.43
CA GLU A 27 -0.33 -13.85 20.54
CA GLU A 27 -0.25 -13.82 20.59
C GLU A 27 0.78 -14.09 19.51
C GLU A 27 0.86 -14.03 19.54
N ALA A 28 0.71 -13.40 18.36
CA ALA A 28 1.64 -13.60 17.26
C ALA A 28 2.77 -12.59 17.16
N LEU A 29 2.65 -11.44 17.83
CA LEU A 29 3.70 -10.43 17.71
C LEU A 29 4.96 -10.87 18.43
N SER A 30 6.09 -10.80 17.75
N SER A 30 6.08 -10.73 17.74
CA SER A 30 7.34 -11.06 18.44
CA SER A 30 7.38 -10.93 18.36
C SER A 30 7.66 -9.92 19.39
C SER A 30 7.65 -9.87 19.41
N GLU A 31 8.46 -10.23 20.40
CA GLU A 31 8.93 -9.25 21.34
C GLU A 31 9.66 -8.09 20.66
N LYS A 32 10.35 -8.37 19.57
CA LYS A 32 11.20 -7.42 18.83
C LYS A 32 10.49 -6.76 17.65
N VAL A 33 9.18 -6.94 17.54
CA VAL A 33 8.44 -6.40 16.37
C VAL A 33 8.66 -4.91 16.18
N GLU A 34 8.82 -4.53 14.92
N GLU A 34 8.86 -4.55 14.90
CA GLU A 34 8.86 -3.12 14.56
CA GLU A 34 8.94 -3.17 14.44
C GLU A 34 7.77 -2.83 13.55
C GLU A 34 7.71 -2.92 13.57
N TRP A 35 6.92 -1.90 13.93
CA TRP A 35 5.64 -1.65 13.26
C TRP A 35 5.59 -0.25 12.74
N THR A 36 5.43 -0.07 11.43
CA THR A 36 5.43 1.24 10.79
C THR A 36 4.08 1.59 10.23
N GLU A 37 3.52 2.68 10.79
CA GLU A 37 2.33 3.33 10.24
C GLU A 37 2.79 4.38 9.24
N ALA A 38 2.04 4.54 8.15
CA ALA A 38 2.40 5.50 7.09
C ALA A 38 2.54 6.92 7.63
N GLU A 39 3.55 7.65 7.16
CA GLU A 39 3.80 8.97 7.67
C GLU A 39 2.59 9.90 7.64
N GLY A 40 1.82 9.82 6.56
CA GLY A 40 0.66 10.72 6.41
C GLY A 40 -0.56 10.23 7.14
N PHE A 41 -0.56 9.00 7.66
CA PHE A 41 -1.66 8.53 8.46
C PHE A 41 -1.56 9.24 9.82
N PRO A 42 -2.66 9.44 10.55
CA PRO A 42 -2.58 10.21 11.80
C PRO A 42 -1.66 9.59 12.84
N TYR A 43 -1.48 8.27 12.84
CA TYR A 43 -0.65 7.58 13.80
C TYR A 43 0.68 7.16 13.17
N GLY A 44 1.09 7.87 12.12
CA GLY A 44 2.37 7.63 11.46
C GLY A 44 3.55 7.55 12.38
N GLY A 45 4.46 6.64 12.10
CA GLY A 45 5.67 6.47 12.88
C GLY A 45 6.05 5.00 12.90
N THR A 46 7.20 4.74 13.52
CA THR A 46 7.65 3.37 13.75
C THR A 46 7.66 3.11 15.23
N TYR A 47 7.08 1.98 15.61
CA TYR A 47 6.88 1.61 17.00
C TYR A 47 7.55 0.28 17.23
N ILE A 48 8.26 0.17 18.37
N ILE A 48 8.34 0.15 18.31
CA ILE A 48 9.03 -1.00 18.71
CA ILE A 48 9.00 -1.10 18.59
C ILE A 48 8.34 -1.71 19.86
C ILE A 48 8.38 -1.73 19.81
N GLY A 49 7.90 -2.96 19.64
CA GLY A 49 7.25 -3.70 20.70
C GLY A 49 5.77 -3.48 20.84
N VAL A 50 5.07 -4.48 21.38
CA VAL A 50 3.61 -4.42 21.43
C VAL A 50 3.07 -3.25 22.24
N GLU A 51 3.72 -2.92 23.37
CA GLU A 51 3.18 -1.86 24.22
C GLU A 51 3.09 -0.55 23.39
N ALA A 52 4.16 -0.21 22.66
CA ALA A 52 4.18 1.01 21.87
C ALA A 52 3.15 0.98 20.74
N ILE A 53 3.01 -0.19 20.12
CA ILE A 53 2.01 -0.41 19.08
C ILE A 53 0.60 -0.17 19.62
N GLU A 55 -0.26 1.53 22.34
CA GLU A 55 -0.43 2.90 22.80
C GLU A 55 -0.66 3.86 21.65
N ASN A 56 0.14 3.72 20.61
CA ASN A 56 0.18 4.71 19.55
C ASN A 56 -0.73 4.41 18.37
N VAL A 57 -1.18 3.18 18.24
CA VAL A 57 -1.90 2.72 17.07
C VAL A 57 -3.27 2.21 17.51
N PHE A 58 -3.35 0.98 18.01
CA PHE A 58 -4.64 0.31 18.18
C PHE A 58 -5.49 0.99 19.21
N SER A 59 -4.91 1.46 20.31
N SER A 59 -4.92 1.46 20.31
N SER A 59 -4.88 1.45 20.31
CA SER A 59 -5.75 2.11 21.33
CA SER A 59 -5.79 2.10 21.31
CA SER A 59 -5.68 2.12 21.33
C SER A 59 -6.42 3.37 20.77
C SER A 59 -6.39 3.40 20.81
C SER A 59 -6.42 3.32 20.72
N ARG A 60 -5.74 4.06 19.85
CA ARG A 60 -6.28 5.27 19.21
C ARG A 60 -7.27 4.96 18.11
N LEU A 61 -7.05 3.88 17.34
CA LEU A 61 -8.07 3.41 16.38
C LEU A 61 -9.37 3.08 17.13
N GLY A 62 -9.23 2.51 18.32
CA GLY A 62 -10.38 2.21 19.15
C GLY A 62 -11.03 3.45 19.70
N SER A 63 -10.25 4.35 20.27
CA SER A 63 -10.78 5.45 21.06
C SER A 63 -11.23 6.66 20.27
N GLU A 64 -10.66 6.86 19.10
CA GLU A 64 -10.91 8.06 18.32
C GLU A 64 -11.89 7.84 17.15
N TRP A 65 -12.30 6.59 16.90
CA TRP A 65 -13.16 6.23 15.80
C TRP A 65 -14.27 5.28 16.28
N ASN A 66 -15.41 5.32 15.59
CA ASN A 66 -16.42 4.29 15.72
C ASN A 66 -16.23 3.29 14.61
N ASP A 67 -16.17 2.04 15.01
CA ASP A 67 -16.20 0.91 14.10
C ASP A 67 -15.05 0.94 13.08
N TYR A 68 -13.87 1.32 13.52
CA TYR A 68 -12.72 1.26 12.61
C TYR A 68 -12.53 -0.20 12.22
N LYS A 69 -12.40 -0.43 10.93
CA LYS A 69 -12.36 -1.77 10.37
C LYS A 69 -11.35 -1.85 9.21
N ALA A 70 -10.62 -2.94 9.18
CA ALA A 70 -9.72 -3.30 8.07
C ALA A 70 -10.24 -4.54 7.43
N SER A 71 -10.72 -4.44 6.20
N SER A 71 -10.75 -4.44 6.21
CA SER A 71 -11.35 -5.52 5.49
CA SER A 71 -11.31 -5.59 5.51
C SER A 71 -10.36 -5.94 4.38
C SER A 71 -10.44 -5.98 4.31
N VAL A 72 -9.92 -7.20 4.38
CA VAL A 72 -8.96 -7.65 3.36
C VAL A 72 -9.66 -8.22 2.15
N ASN A 73 -9.19 -7.77 0.99
N ASN A 73 -9.33 -7.75 0.95
CA ASN A 73 -9.65 -8.24 -0.32
CA ASN A 73 -9.94 -8.31 -0.26
C ASN A 73 -8.68 -9.24 -0.95
C ASN A 73 -9.03 -9.33 -0.94
N TYR A 75 -5.19 -11.73 0.10
CA TYR A 75 -4.00 -12.14 0.83
C TYR A 75 -3.03 -12.73 -0.16
N HIS A 76 -1.80 -12.28 -0.07
CA HIS A 76 -0.72 -12.74 -0.92
C HIS A 76 0.41 -13.31 -0.07
N GLU A 77 0.95 -14.44 -0.49
N GLU A 77 0.89 -14.50 -0.45
CA GLU A 77 2.15 -14.93 0.13
CA GLU A 77 2.12 -15.10 0.07
C GLU A 77 3.28 -14.87 -0.86
C GLU A 77 3.25 -14.78 -0.90
N VAL A 78 4.40 -14.32 -0.41
CA VAL A 78 5.54 -14.13 -1.28
C VAL A 78 6.32 -15.42 -1.42
N SER A 79 6.55 -15.86 -2.67
CA SER A 79 7.26 -17.14 -2.90
C SER A 79 8.60 -17.15 -2.20
N GLY A 80 8.84 -18.22 -1.44
CA GLY A 80 10.17 -18.42 -0.83
C GLY A 80 10.53 -17.44 0.27
N LYS A 81 9.56 -16.71 0.78
CA LYS A 81 9.83 -15.70 1.83
C LYS A 81 8.78 -15.80 2.90
N ASP A 82 9.10 -15.34 4.11
CA ASP A 82 8.14 -15.28 5.21
C ASP A 82 7.48 -13.89 5.25
N VAL A 83 6.82 -13.54 4.15
CA VAL A 83 6.19 -12.27 3.94
C VAL A 83 4.78 -12.52 3.44
N ILE A 84 3.81 -11.86 4.07
CA ILE A 84 2.41 -11.89 3.68
C ILE A 84 2.02 -10.42 3.37
N ILE A 85 1.35 -10.22 2.23
CA ILE A 85 0.93 -8.89 1.83
C ILE A 85 -0.59 -8.91 1.67
N ALA A 86 -1.28 -8.02 2.38
CA ALA A 86 -2.72 -7.96 2.33
C ALA A 86 -3.13 -6.64 1.65
N GLU A 87 -4.02 -6.75 0.66
CA GLU A 87 -4.71 -5.60 0.05
C GLU A 87 -6.10 -5.53 0.66
N GLY A 88 -6.50 -4.33 1.07
CA GLY A 88 -7.82 -4.19 1.65
C GLY A 88 -8.33 -2.77 1.70
N TYR A 90 -10.06 0.15 4.54
CA TYR A 90 -10.46 0.62 5.86
C TYR A 90 -11.79 1.32 5.73
N SER A 91 -12.54 1.28 6.82
CA SER A 91 -13.70 2.12 7.01
C SER A 91 -13.83 2.49 8.46
N GLY A 92 -14.60 3.54 8.73
CA GLY A 92 -14.78 4.00 10.11
C GLY A 92 -15.41 5.37 10.10
N VAL A 93 -15.79 5.79 11.28
CA VAL A 93 -16.31 7.14 11.53
C VAL A 93 -15.43 7.82 12.56
N TYR A 94 -14.95 9.03 12.23
CA TYR A 94 -14.14 9.75 13.19
C TYR A 94 -15.04 10.39 14.27
N LYS A 95 -14.80 10.08 15.53
CA LYS A 95 -15.76 10.48 16.58
C LYS A 95 -15.90 11.99 16.63
N ASP A 96 -14.82 12.75 16.56
CA ASP A 96 -14.90 14.21 16.80
C ASP A 96 -15.68 14.95 15.72
N THR A 97 -15.69 14.44 14.48
CA THR A 97 -16.41 15.07 13.37
C THR A 97 -17.69 14.35 12.95
N GLY A 98 -17.82 13.06 13.29
CA GLY A 98 -18.91 12.26 12.81
C GLY A 98 -18.82 11.85 11.35
N LYS A 99 -17.68 12.10 10.71
CA LYS A 99 -17.53 11.82 9.29
C LYS A 99 -17.05 10.40 9.06
N SER A 100 -17.62 9.74 8.08
N SER A 100 -17.66 9.75 8.09
CA SER A 100 -17.16 8.43 7.67
CA SER A 100 -17.26 8.44 7.59
C SER A 100 -16.20 8.49 6.51
C SER A 100 -16.13 8.54 6.58
N PHE A 101 -15.40 7.45 6.41
CA PHE A 101 -14.43 7.36 5.31
C PHE A 101 -14.30 5.93 4.84
N GLU A 102 -13.73 5.80 3.64
CA GLU A 102 -13.18 4.52 3.17
C GLU A 102 -11.84 4.78 2.56
N ALA A 103 -10.85 3.92 2.80
CA ALA A 103 -9.51 4.14 2.22
C ALA A 103 -8.85 2.81 1.95
N GLU A 104 -8.24 2.69 0.77
N GLU A 104 -8.26 2.66 0.79
CA GLU A 104 -7.51 1.47 0.37
CA GLU A 104 -7.57 1.41 0.50
C GLU A 104 -6.15 1.36 1.05
C GLU A 104 -6.22 1.37 1.22
N PHE A 105 -5.78 0.14 1.46
CA PHE A 105 -4.49 -0.10 2.11
C PHE A 105 -3.80 -1.33 1.54
N VAL A 106 -2.49 -1.36 1.79
CA VAL A 106 -1.74 -2.60 1.70
C VAL A 106 -0.93 -2.71 2.98
N HIS A 107 -0.94 -3.88 3.57
CA HIS A 107 -0.11 -4.19 4.72
C HIS A 107 0.92 -5.22 4.33
N VAL A 108 2.17 -4.94 4.67
CA VAL A 108 3.27 -5.88 4.42
C VAL A 108 3.75 -6.44 5.76
N TRP A 109 3.57 -7.73 5.93
CA TRP A 109 3.91 -8.45 7.17
C TRP A 109 5.11 -9.34 6.92
N GLN A 110 6.08 -9.28 7.85
N GLN A 110 6.03 -9.34 7.90
CA GLN A 110 7.18 -10.23 7.85
CA GLN A 110 7.20 -10.21 7.87
C GLN A 110 7.18 -11.01 9.15
C GLN A 110 7.28 -10.99 9.16
N LEU A 111 7.49 -12.30 9.02
CA LEU A 111 7.54 -13.21 10.16
C LEU A 111 8.89 -13.92 10.23
N GLU A 112 9.22 -14.37 11.41
CA GLU A 112 10.33 -15.29 11.63
C GLU A 112 9.80 -16.41 12.50
N ASN A 113 9.87 -17.63 11.95
CA ASN A 113 9.45 -18.80 12.69
C ASN A 113 8.12 -18.64 13.42
N GLY A 114 7.14 -18.11 12.69
CA GLY A 114 5.79 -18.01 13.24
C GLY A 114 5.46 -16.81 14.12
N LYS A 115 6.40 -15.86 14.25
CA LYS A 115 6.15 -14.65 15.00
C LYS A 115 6.33 -13.47 14.06
N ILE A 116 5.46 -12.47 14.24
CA ILE A 116 5.50 -11.26 13.39
C ILE A 116 6.63 -10.38 13.86
N VAL A 117 7.56 -10.09 12.96
CA VAL A 117 8.71 -9.27 13.28
C VAL A 117 8.65 -7.87 12.65
N LYS A 118 7.90 -7.71 11.57
CA LYS A 118 7.72 -6.40 10.94
C LYS A 118 6.33 -6.26 10.37
N PHE A 119 5.82 -5.04 10.43
CA PHE A 119 4.57 -4.65 9.75
C PHE A 119 4.82 -3.27 9.16
N LYS A 120 4.26 -3.07 7.96
N LYS A 120 4.33 -3.07 7.95
CA LYS A 120 4.31 -1.79 7.29
CA LYS A 120 4.27 -1.73 7.40
C LYS A 120 2.98 -1.48 6.63
C LYS A 120 2.94 -1.51 6.73
N GLN A 121 2.41 -0.32 6.98
CA GLN A 121 1.16 0.13 6.40
C GLN A 121 1.38 1.08 5.22
N TYR A 122 0.67 0.82 4.14
CA TYR A 122 0.49 1.76 3.04
C TYR A 122 -1.00 2.07 2.95
N VAL A 123 -1.38 3.34 2.85
CA VAL A 123 -2.77 3.71 2.98
C VAL A 123 -3.03 5.02 2.23
N ASP A 124 -4.23 5.14 1.65
CA ASP A 124 -4.73 6.35 0.99
C ASP A 124 -5.10 7.38 2.07
N SER A 125 -4.06 7.93 2.66
CA SER A 125 -4.18 8.73 3.84
C SER A 125 -4.93 10.03 3.67
N HIS A 126 -4.99 10.58 2.44
CA HIS A 126 -5.76 11.77 2.22
C HIS A 126 -7.21 11.57 2.67
N LEU A 127 -7.77 10.40 2.35
CA LEU A 127 -9.15 10.15 2.66
C LEU A 127 -9.40 10.02 4.15
N VAL A 128 -8.43 9.47 4.88
CA VAL A 128 -8.50 9.39 6.31
C VAL A 128 -8.48 10.79 6.91
N ARG A 129 -7.53 11.59 6.46
CA ARG A 129 -7.38 12.95 6.95
C ARG A 129 -8.60 13.81 6.66
N GLU A 130 -9.25 13.59 5.55
CA GLU A 130 -10.44 14.38 5.20
C GLU A 130 -11.58 14.13 6.20
N ALA A 131 -11.68 12.92 6.72
CA ALA A 131 -12.71 12.59 7.72
C ALA A 131 -12.45 13.30 9.06
N LYS A 133 -11.34 16.43 9.42
CA LYS A 133 -11.50 17.88 9.32
C LYS A 133 -12.89 18.25 9.73
N SER A 134 -12.98 19.32 10.51
CA SER A 134 -14.26 19.81 10.99
C SER A 134 -15.02 20.45 9.84
N PRO B 3 10.59 -15.71 -23.67
CA PRO B 3 10.13 -14.41 -23.17
C PRO B 3 10.88 -14.00 -21.90
N LYS B 4 10.93 -12.69 -21.68
CA LYS B 4 11.54 -12.12 -20.48
C LYS B 4 10.67 -12.47 -19.27
N ALA B 5 11.28 -12.72 -18.12
CA ALA B 5 10.53 -13.01 -16.89
C ALA B 5 9.65 -11.81 -16.49
N ASN B 6 8.54 -12.10 -15.85
CA ASN B 6 7.63 -11.02 -15.40
C ASN B 6 8.31 -10.03 -14.48
N LEU B 7 9.10 -10.54 -13.55
CA LEU B 7 9.85 -9.66 -12.69
C LEU B 7 10.73 -8.68 -13.47
N GLU B 8 11.42 -9.21 -14.48
CA GLU B 8 12.26 -8.37 -15.32
C GLU B 8 11.45 -7.33 -16.12
N ILE B 9 10.27 -7.73 -16.58
CA ILE B 9 9.43 -6.80 -17.31
C ILE B 9 9.02 -5.66 -16.38
N ILE B 10 8.54 -5.98 -15.18
CA ILE B 10 8.17 -4.92 -14.26
C ILE B 10 9.32 -4.05 -13.83
N ARG B 11 10.48 -4.65 -13.53
CA ARG B 11 11.63 -3.84 -13.13
C ARG B 11 11.98 -2.87 -14.25
N SER B 12 11.83 -3.32 -15.51
CA SER B 12 12.15 -2.50 -16.66
C SER B 12 11.29 -1.24 -16.83
N THR B 13 10.18 -1.15 -16.08
CA THR B 13 9.35 0.03 -16.13
C THR B 13 9.79 1.07 -15.08
N TYR B 14 10.73 0.70 -14.21
CA TYR B 14 11.20 1.62 -13.17
C TYR B 14 12.72 1.94 -13.19
N GLU B 15 13.52 0.92 -13.57
CA GLU B 15 14.96 0.85 -13.19
C GLU B 15 15.90 1.55 -14.15
N GLY B 16 15.37 2.12 -15.23
CA GLY B 16 16.22 2.74 -16.27
C GLY B 16 15.90 4.21 -16.37
N SER B 17 16.29 4.83 -17.47
CA SER B 17 15.93 6.23 -17.69
C SER B 17 14.45 6.40 -17.87
N ALA B 18 13.97 7.64 -17.78
CA ALA B 18 12.54 7.85 -18.01
C ALA B 18 12.12 7.35 -19.39
N SER B 19 12.95 7.56 -20.41
CA SER B 19 12.56 7.12 -21.74
C SER B 19 12.55 5.59 -21.83
N SER B 20 13.54 4.88 -21.26
CA SER B 20 13.54 3.45 -21.40
C SER B 20 12.36 2.93 -20.60
N ASN B 21 12.13 3.45 -19.39
CA ASN B 21 10.98 3.02 -18.56
C ASN B 21 9.62 3.15 -19.31
N ALA B 22 9.41 4.27 -19.96
CA ALA B 22 8.15 4.53 -20.67
C ALA B 22 7.94 3.59 -21.88
N LYS B 23 9.03 3.32 -22.59
CA LYS B 23 8.95 2.47 -23.77
C LYS B 23 8.66 1.06 -23.31
N HIS B 24 9.38 0.64 -22.27
CA HIS B 24 9.18 -0.69 -21.70
C HIS B 24 7.72 -0.91 -21.23
N LEU B 25 7.16 0.10 -20.57
CA LEU B 25 5.80 -0.03 -20.08
C LEU B 25 4.85 -0.18 -21.27
N ALA B 26 4.96 0.72 -22.27
CA ALA B 26 4.05 0.69 -23.42
C ALA B 26 4.07 -0.65 -24.17
N GLU B 27 5.26 -1.23 -24.26
CA GLU B 27 5.47 -2.49 -24.94
C GLU B 27 4.80 -3.63 -24.20
N ALA B 28 4.64 -3.48 -22.89
CA ALA B 28 4.11 -4.57 -22.05
C ALA B 28 2.63 -4.49 -21.72
N LEU B 29 2.00 -3.33 -21.89
CA LEU B 29 0.58 -3.15 -21.53
C LEU B 29 -0.33 -3.92 -22.49
N SER B 30 -1.29 -4.66 -21.93
N SER B 30 -1.29 -4.65 -21.93
CA SER B 30 -2.34 -5.29 -22.73
CA SER B 30 -2.33 -5.28 -22.70
C SER B 30 -3.28 -4.22 -23.24
C SER B 30 -3.27 -4.20 -23.26
N GLU B 31 -3.96 -4.52 -24.35
CA GLU B 31 -4.87 -3.58 -24.93
C GLU B 31 -5.94 -3.06 -23.95
N LYS B 32 -6.47 -3.91 -23.07
CA LYS B 32 -7.57 -3.49 -22.20
C LYS B 32 -7.06 -3.51 -20.75
N VAL B 33 -5.79 -3.15 -20.57
CA VAL B 33 -5.20 -3.01 -19.22
C VAL B 33 -6.08 -2.11 -18.38
N GLU B 34 -6.35 -2.53 -17.14
N GLU B 34 -6.32 -2.55 -17.16
CA GLU B 34 -7.09 -1.73 -16.19
CA GLU B 34 -7.06 -1.82 -16.15
C GLU B 34 -6.14 -1.19 -15.13
C GLU B 34 -6.04 -1.20 -15.19
N TRP B 35 -6.03 0.13 -15.11
CA TRP B 35 -5.01 0.88 -14.36
C TRP B 35 -5.66 1.77 -13.36
N THR B 36 -5.47 1.50 -12.07
CA THR B 36 -6.11 2.24 -11.01
C THR B 36 -5.12 3.08 -10.20
N GLU B 37 -5.34 4.40 -10.23
CA GLU B 37 -4.67 5.32 -9.35
C GLU B 37 -5.53 5.45 -8.09
N ALA B 38 -4.89 5.59 -6.92
CA ALA B 38 -5.60 5.67 -5.67
C ALA B 38 -6.59 6.85 -5.68
N GLU B 39 -7.72 6.64 -5.05
CA GLU B 39 -8.77 7.66 -5.03
C GLU B 39 -8.27 9.00 -4.50
N GLY B 40 -7.49 9.01 -3.44
CA GLY B 40 -7.00 10.25 -2.84
C GLY B 40 -5.86 10.89 -3.60
N PHE B 41 -5.24 10.17 -4.51
CA PHE B 41 -4.16 10.74 -5.33
C PHE B 41 -4.81 11.69 -6.34
N PRO B 42 -4.07 12.73 -6.77
CA PRO B 42 -4.75 13.71 -7.65
C PRO B 42 -5.27 13.13 -8.96
N TYR B 43 -4.67 12.05 -9.46
CA TYR B 43 -5.07 11.44 -10.72
C TYR B 43 -5.86 10.14 -10.49
N GLY B 44 -6.45 10.06 -9.29
CA GLY B 44 -7.26 8.93 -8.93
C GLY B 44 -8.31 8.56 -9.94
N GLY B 45 -8.51 7.26 -10.06
CA GLY B 45 -9.48 6.71 -10.97
C GLY B 45 -8.99 5.43 -11.61
N THR B 46 -9.84 4.79 -12.39
CA THR B 46 -9.48 3.61 -13.17
C THR B 46 -9.58 3.96 -14.63
N TYR B 47 -8.52 3.62 -15.35
CA TYR B 47 -8.32 3.93 -16.75
C TYR B 47 -8.09 2.64 -17.50
N ILE B 48 -8.71 2.51 -18.69
CA ILE B 48 -8.60 1.30 -19.49
C ILE B 48 -7.84 1.61 -20.74
N GLY B 49 -6.72 0.96 -20.92
CA GLY B 49 -5.90 1.09 -22.10
C GLY B 49 -4.86 2.20 -22.02
N VAL B 50 -3.80 2.04 -22.80
CA VAL B 50 -2.66 2.96 -22.74
C VAL B 50 -3.01 4.42 -23.00
N GLU B 51 -3.88 4.68 -23.95
N GLU B 51 -3.88 4.63 -23.99
CA GLU B 51 -4.08 6.07 -24.29
CA GLU B 51 -4.27 6.00 -24.38
C GLU B 51 -4.76 6.84 -23.15
C GLU B 51 -4.72 6.77 -23.15
N ALA B 52 -5.71 6.21 -22.43
CA ALA B 52 -6.29 6.87 -21.24
C ALA B 52 -5.27 7.04 -20.09
N ILE B 53 -4.41 6.05 -19.95
CA ILE B 53 -3.37 6.09 -18.92
C ILE B 53 -2.42 7.22 -19.20
N GLU B 55 -2.96 10.03 -21.04
CA GLU B 55 -3.58 11.33 -20.92
C GLU B 55 -3.87 11.71 -19.46
N ASN B 56 -4.42 10.77 -18.69
CA ASN B 56 -4.92 11.10 -17.37
C ASN B 56 -3.90 10.94 -16.25
N VAL B 57 -2.82 10.23 -16.51
CA VAL B 57 -1.84 9.94 -15.48
C VAL B 57 -0.45 10.45 -15.84
N PHE B 58 0.25 9.76 -16.75
CA PHE B 58 1.64 10.08 -16.98
C PHE B 58 1.86 11.48 -17.54
N SER B 59 1.00 11.96 -18.43
CA SER B 59 1.23 13.30 -18.96
C SER B 59 1.17 14.35 -17.86
N ARG B 60 0.30 14.13 -16.86
CA ARG B 60 0.13 15.07 -15.75
C ARG B 60 1.27 14.98 -14.74
N LEU B 61 1.77 13.78 -14.49
CA LEU B 61 2.97 13.64 -13.67
C LEU B 61 4.15 14.43 -14.27
N GLY B 62 4.23 14.44 -15.59
CA GLY B 62 5.26 15.22 -16.29
C GLY B 62 4.98 16.71 -16.22
N SER B 63 3.75 17.13 -16.47
CA SER B 63 3.47 18.54 -16.67
C SER B 63 3.25 19.35 -15.40
N GLU B 64 2.74 18.72 -14.35
CA GLU B 64 2.40 19.43 -13.11
C GLU B 64 3.49 19.39 -12.04
N TRP B 65 4.53 18.59 -12.23
CA TRP B 65 5.55 18.35 -11.23
C TRP B 65 6.89 18.50 -11.91
N ASN B 66 7.88 18.92 -11.14
CA ASN B 66 9.23 18.79 -11.54
C ASN B 66 9.88 17.57 -10.87
N ASP B 67 10.54 16.78 -11.70
CA ASP B 67 11.32 15.64 -11.26
C ASP B 67 10.50 14.62 -10.49
N TYR B 68 9.28 14.38 -10.96
CA TYR B 68 8.48 13.30 -10.38
C TYR B 68 9.23 11.98 -10.58
N LYS B 69 9.43 11.24 -9.49
CA LYS B 69 10.22 10.03 -9.50
C LYS B 69 9.59 8.95 -8.67
N ALA B 70 9.62 7.73 -9.18
CA ALA B 70 9.21 6.53 -8.46
C ALA B 70 10.41 5.61 -8.35
N SER B 71 10.80 5.34 -7.11
N SER B 71 10.82 5.34 -7.14
CA SER B 71 11.95 4.50 -6.75
CA SER B 71 11.93 4.45 -6.86
C SER B 71 11.54 3.26 -5.94
C SER B 71 11.37 3.24 -6.13
N VAL B 72 11.83 2.06 -6.46
CA VAL B 72 11.40 0.83 -5.81
C VAL B 72 12.48 0.34 -4.86
N ASN B 73 12.03 -0.06 -3.68
N ASN B 73 12.11 0.02 -3.63
CA ASN B 73 12.85 -0.63 -2.62
CA ASN B 73 13.07 -0.53 -2.66
C ASN B 73 12.74 -2.16 -2.55
C ASN B 73 12.94 -2.03 -2.46
N TYR B 75 10.83 -5.64 -4.69
CA TYR B 75 9.90 -6.34 -5.56
C TYR B 75 9.56 -7.68 -4.92
N HIS B 76 8.32 -8.06 -5.00
CA HIS B 76 7.84 -9.32 -4.44
C HIS B 76 7.13 -10.12 -5.50
N GLU B 77 7.48 -11.40 -5.62
CA GLU B 77 6.81 -12.33 -6.49
C GLU B 77 5.79 -13.14 -5.68
N VAL B 78 4.52 -13.08 -6.06
CA VAL B 78 3.47 -13.70 -5.29
C VAL B 78 3.23 -15.16 -5.65
N SER B 79 3.22 -16.03 -4.65
CA SER B 79 3.01 -17.47 -4.85
C SER B 79 1.60 -17.76 -5.36
N GLY B 80 1.55 -18.50 -6.46
CA GLY B 80 0.32 -18.95 -7.05
C GLY B 80 -0.39 -17.92 -7.92
N LYS B 81 0.29 -16.82 -8.22
CA LYS B 81 -0.27 -15.78 -9.08
C LYS B 81 0.82 -15.26 -10.03
N ASP B 82 0.39 -14.63 -11.11
N ASP B 82 0.36 -14.56 -11.04
CA ASP B 82 1.29 -13.81 -11.93
CA ASP B 82 1.21 -13.82 -11.96
C ASP B 82 1.11 -12.36 -11.45
C ASP B 82 1.21 -12.33 -11.50
N VAL B 83 1.61 -12.12 -10.25
CA VAL B 83 1.49 -10.82 -9.60
C VAL B 83 2.86 -10.46 -9.07
N ILE B 84 3.24 -9.20 -9.32
CA ILE B 84 4.47 -8.61 -8.79
C ILE B 84 4.04 -7.39 -7.99
N ILE B 85 4.53 -7.30 -6.74
CA ILE B 85 4.18 -6.19 -5.85
C ILE B 85 5.45 -5.41 -5.56
N ALA B 86 5.43 -4.10 -5.85
CA ALA B 86 6.61 -3.24 -5.65
C ALA B 86 6.34 -2.25 -4.50
N GLU B 87 7.22 -2.23 -3.51
CA GLU B 87 7.23 -1.23 -2.47
C GLU B 87 8.24 -0.18 -2.87
N GLY B 88 7.83 1.10 -2.81
CA GLY B 88 8.69 2.19 -3.24
C GLY B 88 8.38 3.51 -2.62
N TYR B 90 7.84 7.78 -3.81
CA TYR B 90 7.75 8.84 -4.79
C TYR B 90 8.45 10.07 -4.23
N SER B 91 8.89 10.92 -5.12
CA SER B 91 9.32 12.25 -4.76
C SER B 91 9.08 13.17 -5.95
N GLY B 92 9.07 14.46 -5.68
CA GLY B 92 8.87 15.45 -6.72
C GLY B 92 8.59 16.81 -6.12
N VAL B 93 8.53 17.81 -7.02
CA VAL B 93 8.20 19.17 -6.62
C VAL B 93 6.95 19.57 -7.38
N TYR B 94 5.94 20.06 -6.67
CA TYR B 94 4.72 20.51 -7.34
C TYR B 94 4.95 21.91 -7.92
N LYS B 95 4.78 22.06 -9.23
CA LYS B 95 5.19 23.31 -9.85
C LYS B 95 4.50 24.54 -9.26
N ASP B 96 3.20 24.45 -8.98
CA ASP B 96 2.48 25.64 -8.59
C ASP B 96 2.88 26.17 -7.22
N THR B 97 3.31 25.29 -6.33
CA THR B 97 3.67 25.71 -4.97
C THR B 97 5.15 25.74 -4.72
N GLY B 98 5.93 25.05 -5.53
CA GLY B 98 7.34 24.86 -5.25
C GLY B 98 7.70 23.89 -4.13
N LYS B 99 6.70 23.20 -3.59
N LYS B 99 6.71 23.17 -3.60
CA LYS B 99 6.91 22.31 -2.45
CA LYS B 99 6.91 22.31 -2.46
C LYS B 99 7.28 20.92 -2.92
C LYS B 99 7.33 20.92 -2.89
N SER B 100 8.34 20.39 -2.33
N SER B 100 8.32 20.41 -2.18
CA SER B 100 8.76 19.03 -2.55
CA SER B 100 8.80 19.05 -2.37
C SER B 100 8.09 18.08 -1.56
C SER B 100 7.97 18.09 -1.55
N PHE B 101 7.95 16.81 -1.95
CA PHE B 101 7.39 15.77 -1.07
C PHE B 101 8.13 14.48 -1.27
N GLU B 102 7.90 13.58 -0.32
CA GLU B 102 8.22 12.14 -0.46
C GLU B 102 7.00 11.38 0.05
N ALA B 103 6.62 10.31 -0.64
CA ALA B 103 5.46 9.52 -0.23
C ALA B 103 5.69 8.08 -0.59
N GLU B 104 5.44 7.18 0.36
N GLU B 104 5.48 7.19 0.38
CA GLU B 104 5.59 5.75 0.09
CA GLU B 104 5.60 5.76 0.17
C GLU B 104 4.43 5.17 -0.67
C GLU B 104 4.46 5.24 -0.75
N PHE B 105 4.74 4.21 -1.56
CA PHE B 105 3.76 3.57 -2.35
C PHE B 105 3.95 2.08 -2.41
N VAL B 106 2.87 1.39 -2.74
CA VAL B 106 2.90 0.03 -3.23
C VAL B 106 2.18 -0.04 -4.56
N HIS B 107 2.80 -0.70 -5.54
CA HIS B 107 2.13 -0.98 -6.82
C HIS B 107 1.92 -2.46 -6.96
N VAL B 108 0.69 -2.83 -7.29
CA VAL B 108 0.35 -4.24 -7.52
C VAL B 108 0.11 -4.44 -9.02
N TRP B 109 0.96 -5.26 -9.63
CA TRP B 109 0.93 -5.55 -11.05
C TRP B 109 0.46 -6.98 -11.30
N GLN B 110 -0.45 -7.15 -12.25
CA GLN B 110 -0.93 -8.48 -12.63
C GLN B 110 -0.69 -8.66 -14.12
N LEU B 111 -0.18 -9.85 -14.47
CA LEU B 111 0.20 -10.13 -15.83
C LEU B 111 -0.51 -11.40 -16.30
N GLU B 112 -0.75 -11.45 -17.60
N GLU B 112 -0.67 -11.46 -17.62
CA GLU B 112 -1.27 -12.67 -18.28
CA GLU B 112 -1.24 -12.64 -18.30
C GLU B 112 -0.42 -12.86 -19.51
C GLU B 112 -0.38 -12.85 -19.51
N ASN B 113 0.21 -14.03 -19.58
CA ASN B 113 1.09 -14.35 -20.69
C ASN B 113 2.15 -13.26 -20.94
N GLY B 114 2.67 -12.69 -19.86
CA GLY B 114 3.70 -11.69 -19.93
C GLY B 114 3.25 -10.28 -20.30
N LYS B 115 1.95 -10.05 -20.43
CA LYS B 115 1.42 -8.70 -20.67
C LYS B 115 0.84 -8.21 -19.38
N ILE B 116 0.96 -6.89 -19.14
CA ILE B 116 0.40 -6.26 -17.96
C ILE B 116 -1.08 -6.04 -18.21
N VAL B 117 -1.91 -6.70 -17.42
CA VAL B 117 -3.39 -6.58 -17.53
C VAL B 117 -4.02 -5.76 -16.42
N LYS B 118 -3.33 -5.58 -15.28
CA LYS B 118 -3.84 -4.73 -14.20
C LYS B 118 -2.69 -4.08 -13.46
N PHE B 119 -2.94 -2.85 -13.06
CA PHE B 119 -2.08 -2.10 -12.19
C PHE B 119 -2.94 -1.41 -11.15
N LYS B 120 -2.49 -1.42 -9.90
CA LYS B 120 -3.11 -0.64 -8.85
C LYS B 120 -2.06 0.05 -7.98
N GLN B 121 -2.29 1.35 -7.76
CA GLN B 121 -1.50 2.18 -6.89
C GLN B 121 -2.09 2.31 -5.49
N TYR B 122 -1.24 2.11 -4.50
CA TYR B 122 -1.51 2.47 -3.12
C TYR B 122 -0.45 3.51 -2.75
N VAL B 123 -0.85 4.63 -2.15
CA VAL B 123 0.09 5.72 -1.94
C VAL B 123 -0.34 6.55 -0.73
N ASP B 124 0.66 7.05 0.02
CA ASP B 124 0.47 7.97 1.14
C ASP B 124 0.08 9.34 0.59
N SER B 125 -1.19 9.39 0.18
CA SER B 125 -1.70 10.53 -0.57
C SER B 125 -1.78 11.82 0.22
N HIS B 126 -1.91 11.78 1.54
CA HIS B 126 -1.88 13.01 2.31
C HIS B 126 -0.64 13.81 2.03
N LEU B 127 0.50 13.14 1.89
CA LEU B 127 1.73 13.86 1.69
C LEU B 127 1.82 14.48 0.30
N VAL B 128 1.26 13.78 -0.68
CA VAL B 128 1.17 14.33 -2.06
C VAL B 128 0.28 15.59 -2.05
N ARG B 129 -0.87 15.50 -1.39
CA ARG B 129 -1.81 16.60 -1.32
C ARG B 129 -1.28 17.77 -0.54
N GLU B 130 -0.48 17.53 0.49
CA GLU B 130 0.11 18.61 1.23
C GLU B 130 1.05 19.45 0.35
N ALA B 131 1.74 18.80 -0.59
CA ALA B 131 2.63 19.52 -1.50
C ALA B 131 1.87 20.39 -2.49
N LYS B 133 -0.82 22.19 -1.68
CA LYS B 133 -1.54 23.19 -0.88
C LYS B 133 -0.65 24.38 -0.85
N SER B 134 -1.19 25.54 -1.21
CA SER B 134 -0.41 26.77 -1.23
C SER B 134 -0.09 27.24 0.18
#